data_4N17
#
_entry.id   4N17
#
_cell.length_a   96.152
_cell.length_b   101.369
_cell.length_c   55.720
_cell.angle_alpha   90.000
_cell.angle_beta   90.000
_cell.angle_gamma   90.000
#
_symmetry.space_group_name_H-M   'C 2 2 21'
#
loop_
_entity.id
_entity.type
_entity.pdbx_description
1 polymer 'TRAP dicarboxylate transporter, DctP subunit'
2 non-polymer 'beta-D-galactopyranuronic acid'
3 non-polymer 'CHLORIDE ION'
4 non-polymer 'CALCIUM ION'
5 water water
#
_entity_poly.entity_id   1
_entity_poly.type   'polypeptide(L)'
_entity_poly.pdbx_seq_one_letter_code
;MTHRFPRSRTALAVALMAGFAMSAQARVFRSADVHGDSFPTNMAVKFMGDELSKLTGGKDSIKVFGNSALGSEKDTVDQV
RIGAIDMARVNGASFNEIVPESLIPSFPFLFRDVDHFRKAMYGPAGQKILDAFAAKGMIALTFYESGARSIYAKRPVRTP
ADMKGLKVRVQPSDLMVDEIRAMGGTPTPMPFAEVYTGLKTGLVDAAENNLPSYEETKHFEVAPDYSETQHAMTPEVLVF
SKKIWDTLSPQEQAAIRKAAADSVPYYQKLWTAREASAQQAVTKGGANILPAAQVDRAAFVKAMQPLWTKYEKTPQMKQI
VDEIEATKAENLYFQ
;
_entity_poly.pdbx_strand_id   A
#
loop_
_chem_comp.id
_chem_comp.type
_chem_comp.name
_chem_comp.formula
CA non-polymer 'CALCIUM ION' 'Ca 2'
CL non-polymer 'CHLORIDE ION' 'Cl -1'
GTR D-saccharide, beta linking 'beta-D-galactopyranuronic acid' 'C6 H10 O7'
#
# COMPACT_ATOMS: atom_id res chain seq x y z
N ARG A 27 6.54 -24.67 10.67
CA ARG A 27 7.50 -23.94 11.46
C ARG A 27 7.10 -22.47 11.57
N VAL A 28 7.90 -21.66 12.27
CA VAL A 28 7.58 -20.25 12.41
C VAL A 28 8.05 -19.43 11.21
N PHE A 29 7.12 -18.98 10.37
CA PHE A 29 7.49 -18.17 9.24
C PHE A 29 7.73 -16.73 9.68
N ARG A 30 8.79 -16.10 9.21
CA ARG A 30 9.10 -14.74 9.57
C ARG A 30 8.53 -13.80 8.54
N SER A 31 7.79 -12.79 8.99
CA SER A 31 7.14 -11.86 8.09
C SER A 31 7.48 -10.42 8.48
N ALA A 32 7.64 -9.56 7.48
CA ALA A 32 8.07 -8.19 7.72
C ALA A 32 6.91 -7.22 7.55
N ASP A 33 6.93 -6.12 8.29
CA ASP A 33 6.02 -5.00 8.09
C ASP A 33 6.66 -3.72 8.59
N VAL A 34 6.48 -2.63 7.85
CA VAL A 34 6.96 -1.33 8.33
C VAL A 34 6.14 -0.75 9.48
N HIS A 35 4.87 -1.17 9.60
CA HIS A 35 4.00 -0.63 10.65
C HIS A 35 4.26 -1.27 12.01
N GLY A 36 3.66 -0.66 13.01
CA GLY A 36 3.77 -1.17 14.36
C GLY A 36 2.86 -2.34 14.66
N ASP A 37 3.12 -2.98 15.79
CA ASP A 37 2.49 -4.24 16.14
C ASP A 37 0.96 -4.17 16.20
N SER A 38 0.42 -3.01 16.58
N SER A 38 0.46 -2.99 16.58
CA SER A 38 -1.02 -2.87 16.74
CA SER A 38 -0.97 -2.80 16.78
C SER A 38 -1.71 -2.31 15.50
C SER A 38 -1.71 -2.38 15.49
N PHE A 39 -0.95 -2.12 14.44
CA PHE A 39 -1.51 -1.61 13.18
C PHE A 39 -2.31 -2.72 12.50
N PRO A 40 -3.34 -2.34 11.72
CA PRO A 40 -4.16 -3.43 11.20
C PRO A 40 -3.44 -4.45 10.31
N THR A 41 -2.42 -4.05 9.54
CA THR A 41 -1.73 -5.03 8.71
C THR A 41 -0.98 -6.09 9.56
N ASN A 42 -0.27 -5.61 10.58
CA ASN A 42 0.44 -6.53 11.47
C ASN A 42 -0.55 -7.47 12.16
N MET A 43 -1.65 -6.90 12.64
CA MET A 43 -2.66 -7.65 13.36
C MET A 43 -3.27 -8.73 12.47
N ALA A 44 -3.51 -8.40 11.20
CA ALA A 44 -4.13 -9.36 10.28
C ALA A 44 -3.19 -10.52 9.97
N VAL A 45 -1.89 -10.26 9.85
CA VAL A 45 -0.98 -11.35 9.52
C VAL A 45 -0.73 -12.20 10.78
N LYS A 46 -0.74 -11.57 11.96
CA LYS A 46 -0.69 -12.35 13.19
C LYS A 46 -1.92 -13.25 13.31
N PHE A 47 -3.10 -12.73 12.96
CA PHE A 47 -4.34 -13.53 12.93
C PHE A 47 -4.20 -14.66 11.93
N MET A 48 -3.68 -14.36 10.75
CA MET A 48 -3.42 -15.41 9.77
C MET A 48 -2.55 -16.51 10.39
N GLY A 49 -1.52 -16.11 11.11
CA GLY A 49 -0.61 -17.06 11.72
C GLY A 49 -1.30 -17.98 12.72
N ASP A 50 -2.17 -17.40 13.54
CA ASP A 50 -2.95 -18.17 14.51
C ASP A 50 -3.82 -19.19 13.80
N GLU A 51 -4.52 -18.74 12.76
CA GLU A 51 -5.38 -19.62 11.98
C GLU A 51 -4.58 -20.73 11.31
N LEU A 52 -3.41 -20.37 10.79
CA LEU A 52 -2.55 -21.31 10.10
C LEU A 52 -2.02 -22.43 11.00
N SER A 53 -1.72 -22.12 12.24
CA SER A 53 -1.14 -23.15 13.11
C SER A 53 -2.12 -24.31 13.30
N LYS A 54 -3.41 -23.99 13.41
CA LYS A 54 -4.47 -25.00 13.50
C LYS A 54 -4.63 -25.85 12.25
N LEU A 55 -4.64 -25.19 11.09
CA LEU A 55 -4.84 -25.89 9.81
C LEU A 55 -3.72 -26.86 9.51
N THR A 56 -2.58 -26.70 10.19
CA THR A 56 -1.40 -27.51 9.89
C THR A 56 -0.99 -28.40 11.05
N GLY A 57 -1.85 -28.48 12.08
CA GLY A 57 -1.60 -29.34 13.22
C GLY A 57 -0.39 -28.89 13.99
N GLY A 58 -0.21 -27.58 14.07
CA GLY A 58 0.89 -26.98 14.80
C GLY A 58 2.21 -26.97 14.05
N LYS A 59 2.23 -27.44 12.81
CA LYS A 59 3.46 -27.39 12.03
C LYS A 59 3.88 -25.91 11.90
N ASP A 60 2.92 -25.02 11.66
CA ASP A 60 3.22 -23.67 11.16
C ASP A 60 2.64 -22.51 11.99
N SER A 61 3.37 -21.40 12.02
CA SER A 61 2.86 -20.17 12.62
C SER A 61 3.60 -19.02 11.97
N ILE A 62 3.25 -17.79 12.34
CA ILE A 62 3.88 -16.64 11.72
C ILE A 62 4.27 -15.66 12.81
N LYS A 63 5.45 -15.08 12.69
CA LYS A 63 5.84 -13.97 13.55
C LYS A 63 6.06 -12.74 12.70
N VAL A 64 5.40 -11.63 13.05
CA VAL A 64 5.53 -10.40 12.29
C VAL A 64 6.51 -9.47 12.99
N PHE A 65 7.58 -9.11 12.29
CA PHE A 65 8.58 -8.17 12.77
C PHE A 65 8.20 -6.82 12.19
N GLY A 66 7.63 -5.97 13.03
CA GLY A 66 7.18 -4.66 12.60
C GLY A 66 8.25 -3.57 12.67
N ASN A 67 7.82 -2.32 12.50
CA ASN A 67 8.66 -1.16 12.68
C ASN A 67 9.90 -1.14 11.79
N SER A 68 9.80 -1.76 10.62
CA SER A 68 10.90 -1.82 9.68
C SER A 68 12.13 -2.50 10.27
N ALA A 69 11.92 -3.40 11.24
CA ALA A 69 13.01 -4.07 11.94
C ALA A 69 13.92 -4.85 10.98
N LEU A 70 13.30 -5.50 9.99
CA LEU A 70 14.03 -6.32 9.02
C LEU A 70 14.56 -5.51 7.84
N GLY A 71 14.22 -4.22 7.76
CA GLY A 71 14.66 -3.39 6.67
C GLY A 71 13.53 -2.53 6.12
N SER A 72 13.86 -1.69 5.14
CA SER A 72 12.86 -0.91 4.42
C SER A 72 11.96 -1.89 3.63
N GLU A 73 10.82 -1.44 3.12
CA GLU A 73 9.96 -2.33 2.31
C GLU A 73 10.74 -2.91 1.16
N LYS A 74 11.47 -2.05 0.44
CA LYS A 74 12.29 -2.48 -0.66
C LYS A 74 13.23 -3.62 -0.27
N ASP A 75 13.90 -3.43 0.87
CA ASP A 75 14.86 -4.42 1.32
C ASP A 75 14.16 -5.74 1.61
N THR A 76 12.98 -5.68 2.23
CA THR A 76 12.30 -6.91 2.62
C THR A 76 11.76 -7.68 1.42
N VAL A 77 11.38 -6.95 0.37
CA VAL A 77 10.98 -7.59 -0.86
C VAL A 77 12.19 -8.34 -1.45
N ASP A 78 13.35 -7.70 -1.45
CA ASP A 78 14.56 -8.41 -1.88
C ASP A 78 14.78 -9.67 -1.06
N GLN A 79 14.63 -9.55 0.25
CA GLN A 79 14.85 -10.69 1.13
C GLN A 79 13.85 -11.81 0.89
N VAL A 80 12.59 -11.46 0.65
CA VAL A 80 11.60 -12.49 0.36
C VAL A 80 11.96 -13.22 -0.92
N ARG A 81 12.36 -12.47 -1.92
CA ARG A 81 12.67 -13.05 -3.21
C ARG A 81 13.84 -14.03 -3.17
N ILE A 82 14.79 -13.80 -2.27
CA ILE A 82 15.89 -14.75 -2.18
C ILE A 82 15.69 -15.82 -1.09
N GLY A 83 14.58 -15.77 -0.37
CA GLY A 83 14.27 -16.75 0.66
C GLY A 83 14.90 -16.48 2.01
N ALA A 84 15.42 -15.26 2.19
CA ALA A 84 16.05 -14.86 3.45
C ALA A 84 15.03 -14.59 4.55
N ILE A 85 13.84 -14.13 4.17
CA ILE A 85 12.70 -14.12 5.08
C ILE A 85 11.56 -14.77 4.34
N ASP A 86 10.55 -15.22 5.08
CA ASP A 86 9.53 -16.04 4.47
C ASP A 86 8.41 -15.23 3.83
N MET A 87 8.05 -14.12 4.45
CA MET A 87 6.89 -13.36 4.00
C MET A 87 7.13 -11.88 4.22
N ALA A 88 6.41 -11.05 3.47
CA ALA A 88 6.37 -9.62 3.76
C ALA A 88 5.01 -9.06 3.40
N ARG A 89 4.54 -8.12 4.20
CA ARG A 89 3.31 -7.40 3.94
C ARG A 89 3.77 -5.99 3.54
N VAL A 90 3.61 -5.66 2.26
CA VAL A 90 4.16 -4.43 1.71
C VAL A 90 3.11 -3.78 0.82
N ASN A 91 3.33 -2.53 0.47
CA ASN A 91 2.44 -1.80 -0.39
C ASN A 91 2.70 -2.14 -1.86
N GLY A 92 1.65 -2.11 -2.67
CA GLY A 92 1.81 -2.38 -4.09
C GLY A 92 2.88 -1.56 -4.77
N ALA A 93 3.08 -0.32 -4.36
CA ALA A 93 4.10 0.55 -4.97
C ALA A 93 5.50 -0.05 -4.97
N SER A 94 5.78 -0.85 -3.94
CA SER A 94 7.09 -1.45 -3.77
C SER A 94 7.40 -2.58 -4.75
N PHE A 95 6.43 -2.96 -5.58
CA PHE A 95 6.66 -3.95 -6.63
C PHE A 95 6.65 -3.33 -8.02
N ASN A 96 6.47 -2.02 -8.09
CA ASN A 96 6.19 -1.40 -9.39
C ASN A 96 7.30 -1.55 -10.40
N GLU A 97 8.52 -1.80 -9.95
CA GLU A 97 9.65 -1.94 -10.85
C GLU A 97 10.09 -3.41 -10.98
N ILE A 98 9.30 -4.29 -10.38
CA ILE A 98 9.59 -5.71 -10.38
C ILE A 98 8.46 -6.47 -11.10
N VAL A 99 7.22 -6.23 -10.68
CA VAL A 99 6.05 -6.90 -11.25
C VAL A 99 5.25 -5.85 -11.99
N PRO A 100 5.30 -5.90 -13.33
CA PRO A 100 4.61 -4.84 -14.06
C PRO A 100 3.12 -4.72 -13.72
N GLU A 101 2.43 -5.85 -13.55
CA GLU A 101 1.02 -5.78 -13.26
C GLU A 101 0.74 -5.02 -11.95
N SER A 102 1.73 -4.92 -11.04
CA SER A 102 1.53 -4.18 -9.79
C SER A 102 1.35 -2.69 -10.01
N LEU A 103 1.77 -2.19 -11.17
CA LEU A 103 1.55 -0.79 -11.49
C LEU A 103 0.07 -0.43 -11.54
N ILE A 104 -0.74 -1.34 -12.09
CA ILE A 104 -2.12 -1.03 -12.40
C ILE A 104 -2.94 -0.51 -11.22
N PRO A 105 -2.95 -1.24 -10.08
CA PRO A 105 -3.81 -0.74 -9.00
C PRO A 105 -3.24 0.48 -8.29
N SER A 106 -2.04 0.93 -8.68
CA SER A 106 -1.52 2.22 -8.28
C SER A 106 -1.87 3.36 -9.26
N PHE A 107 -2.47 3.02 -10.40
CA PHE A 107 -2.86 4.03 -11.38
C PHE A 107 -3.76 5.07 -10.72
N PRO A 108 -3.52 6.35 -11.01
CA PRO A 108 -4.30 7.42 -10.37
C PRO A 108 -5.77 7.49 -10.79
N PHE A 109 -6.66 7.50 -9.79
CA PHE A 109 -8.10 7.60 -10.02
C PHE A 109 -8.66 6.42 -10.83
N LEU A 110 -8.03 5.27 -10.69
CA LEU A 110 -8.53 4.04 -11.32
C LEU A 110 -9.81 3.54 -10.65
N PHE A 111 -9.81 3.51 -9.32
CA PHE A 111 -10.97 3.02 -8.58
C PHE A 111 -11.92 4.16 -8.23
N ARG A 112 -13.22 3.90 -8.34
CA ARG A 112 -14.25 4.90 -8.15
C ARG A 112 -14.39 5.21 -6.67
N ASP A 113 -14.22 4.17 -5.86
CA ASP A 113 -14.43 4.22 -4.43
C ASP A 113 -13.98 2.88 -3.85
N VAL A 114 -14.11 2.74 -2.55
CA VAL A 114 -13.64 1.55 -1.85
C VAL A 114 -14.44 0.31 -2.27
N ASP A 115 -15.74 0.45 -2.46
CA ASP A 115 -16.54 -0.72 -2.87
C ASP A 115 -16.05 -1.24 -4.23
N HIS A 116 -15.69 -0.32 -5.13
CA HIS A 116 -15.14 -0.72 -6.43
C HIS A 116 -13.79 -1.43 -6.25
N PHE A 117 -12.90 -0.84 -5.47
CA PHE A 117 -11.65 -1.51 -5.15
C PHE A 117 -11.89 -2.96 -4.68
N ARG A 118 -12.79 -3.15 -3.72
CA ARG A 118 -12.98 -4.46 -3.16
C ARG A 118 -13.52 -5.44 -4.20
N LYS A 119 -14.52 -5.02 -4.97
CA LYS A 119 -15.13 -5.92 -5.93
C LYS A 119 -14.12 -6.31 -7.01
N ALA A 120 -13.36 -5.35 -7.51
CA ALA A 120 -12.39 -5.63 -8.56
C ALA A 120 -11.19 -6.41 -8.03
N MET A 121 -10.66 -6.00 -6.88
CA MET A 121 -9.39 -6.58 -6.45
C MET A 121 -9.55 -7.98 -5.86
N TYR A 122 -10.72 -8.29 -5.34
CA TYR A 122 -11.03 -9.67 -4.90
C TYR A 122 -11.79 -10.45 -5.93
N GLY A 123 -11.73 -10.00 -7.18
CA GLY A 123 -12.28 -10.75 -8.27
C GLY A 123 -11.19 -11.21 -9.23
N PRO A 124 -11.61 -11.64 -10.41
CA PRO A 124 -10.65 -12.20 -11.36
C PRO A 124 -9.58 -11.23 -11.81
N ALA A 125 -9.87 -9.93 -11.87
CA ALA A 125 -8.86 -8.97 -12.28
C ALA A 125 -7.73 -8.93 -11.26
N GLY A 126 -8.12 -8.90 -9.99
CA GLY A 126 -7.12 -8.89 -8.93
C GLY A 126 -6.31 -10.18 -8.95
N GLN A 127 -6.97 -11.29 -9.26
CA GLN A 127 -6.25 -12.56 -9.34
C GLN A 127 -5.14 -12.53 -10.40
N LYS A 128 -5.42 -11.98 -11.57
CA LYS A 128 -4.41 -11.88 -12.60
C LYS A 128 -3.20 -11.08 -12.15
N ILE A 129 -3.44 -10.05 -11.34
CA ILE A 129 -2.32 -9.27 -10.78
C ILE A 129 -1.52 -10.15 -9.79
N LEU A 130 -2.20 -10.88 -8.91
CA LEU A 130 -1.51 -11.76 -7.98
C LEU A 130 -0.69 -12.80 -8.74
N ASP A 131 -1.27 -13.34 -9.80
CA ASP A 131 -0.61 -14.41 -10.55
C ASP A 131 0.76 -13.97 -11.07
N ALA A 132 0.88 -12.69 -11.43
CA ALA A 132 2.10 -12.16 -12.04
C ALA A 132 3.30 -12.17 -11.11
N PHE A 133 3.07 -12.38 -9.83
CA PHE A 133 4.18 -12.31 -8.87
C PHE A 133 5.06 -13.58 -8.94
N ALA A 134 4.49 -14.71 -9.38
CA ALA A 134 5.20 -16.00 -9.30
C ALA A 134 6.46 -16.02 -10.17
N ALA A 135 6.40 -15.36 -11.31
CA ALA A 135 7.57 -15.30 -12.17
C ALA A 135 8.72 -14.44 -11.58
N LYS A 136 8.44 -13.71 -10.50
CA LYS A 136 9.45 -12.89 -9.86
C LYS A 136 9.77 -13.38 -8.43
N GLY A 137 9.56 -14.66 -8.18
CA GLY A 137 10.02 -15.28 -6.95
C GLY A 137 9.13 -15.09 -5.73
N MET A 138 7.86 -14.74 -5.97
CA MET A 138 6.95 -14.44 -4.87
C MET A 138 5.58 -15.03 -5.14
N ILE A 139 4.98 -15.57 -4.11
CA ILE A 139 3.57 -15.96 -4.17
C ILE A 139 2.77 -14.87 -3.48
N ALA A 140 1.98 -14.13 -4.26
CA ALA A 140 1.12 -13.08 -3.74
C ALA A 140 -0.18 -13.70 -3.23
N LEU A 141 -0.28 -13.83 -1.92
CA LEU A 141 -1.37 -14.58 -1.30
C LEU A 141 -2.69 -13.84 -1.25
N THR A 142 -2.62 -12.56 -0.93
CA THR A 142 -3.83 -11.75 -0.87
C THR A 142 -3.49 -10.27 -0.99
N PHE A 143 -4.46 -9.47 -1.39
CA PHE A 143 -4.44 -8.03 -1.14
C PHE A 143 -5.11 -7.69 0.20
N TYR A 144 -4.68 -6.57 0.74
CA TYR A 144 -5.45 -5.86 1.75
C TYR A 144 -5.66 -4.43 1.24
N GLU A 145 -6.85 -3.89 1.48
CA GLU A 145 -7.10 -2.51 1.13
C GLU A 145 -6.26 -1.54 1.96
N SER A 146 -6.02 -0.35 1.40
CA SER A 146 -5.20 0.67 2.07
C SER A 146 -5.83 2.05 1.91
N GLY A 147 -7.15 2.08 1.78
CA GLY A 147 -7.84 3.33 1.64
C GLY A 147 -7.29 4.10 0.48
N ALA A 148 -7.44 5.42 0.53
CA ALA A 148 -6.95 6.29 -0.52
C ALA A 148 -5.79 7.13 0.00
N ARG A 149 -4.74 7.27 -0.80
CA ARG A 149 -3.63 8.12 -0.43
C ARG A 149 -3.91 9.58 -0.80
N SER A 150 -3.59 10.49 0.13
CA SER A 150 -3.79 11.92 -0.10
C SER A 150 -2.58 12.69 0.40
N ILE A 151 -2.39 13.88 -0.20
CA ILE A 151 -1.32 14.79 0.16
C ILE A 151 -1.52 15.35 1.53
N TYR A 152 -0.43 15.44 2.27
CA TYR A 152 -0.42 16.27 3.45
C TYR A 152 0.83 17.12 3.47
N ALA A 153 0.73 18.26 4.15
CA ALA A 153 1.75 19.29 4.09
C ALA A 153 1.47 20.34 5.14
N LYS A 154 2.18 21.46 5.03
CA LYS A 154 2.00 22.58 5.95
C LYS A 154 1.08 23.63 5.34
N ARG A 155 0.52 23.33 4.18
CA ARG A 155 -0.52 24.17 3.63
C ARG A 155 -1.52 23.33 2.87
N PRO A 156 -2.76 23.83 2.75
CA PRO A 156 -3.78 23.07 2.04
C PRO A 156 -3.49 23.01 0.57
N VAL A 157 -4.05 22.00 -0.09
CA VAL A 157 -3.82 21.74 -1.49
C VAL A 157 -5.17 21.47 -2.14
N ARG A 158 -5.62 22.42 -2.96
CA ARG A 158 -6.86 22.25 -3.71
C ARG A 158 -6.60 22.00 -5.16
N THR A 159 -5.45 22.49 -5.64
CA THR A 159 -5.05 22.41 -7.04
C THR A 159 -3.54 22.19 -7.16
N PRO A 160 -3.07 21.82 -8.35
CA PRO A 160 -1.65 21.70 -8.68
C PRO A 160 -0.83 22.94 -8.41
N ALA A 161 -1.34 24.12 -8.77
CA ALA A 161 -0.60 25.32 -8.47
C ALA A 161 -0.23 25.27 -7.01
N ASP A 162 -1.10 24.68 -6.19
CA ASP A 162 -0.85 24.63 -4.77
C ASP A 162 0.30 23.66 -4.50
N MET A 163 0.50 22.69 -5.40
CA MET A 163 1.55 21.68 -5.27
C MET A 163 2.90 22.24 -5.67
N LYS A 164 2.90 23.21 -6.58
CA LYS A 164 4.15 23.74 -7.10
C LYS A 164 5.06 24.18 -5.97
N GLY A 165 6.29 23.67 -5.95
CA GLY A 165 7.27 24.07 -4.94
C GLY A 165 7.39 23.15 -3.73
N LEU A 166 6.38 22.33 -3.49
CA LEU A 166 6.43 21.39 -2.38
C LEU A 166 7.49 20.29 -2.62
N LYS A 167 8.35 20.05 -1.63
CA LYS A 167 9.24 18.89 -1.65
C LYS A 167 8.46 17.74 -1.04
N VAL A 168 7.97 16.83 -1.88
CA VAL A 168 7.02 15.81 -1.45
C VAL A 168 7.69 14.43 -1.40
N ARG A 169 7.74 13.80 -0.23
CA ARG A 169 8.30 12.47 -0.15
C ARG A 169 7.36 11.53 -0.90
N VAL A 170 7.92 10.63 -1.67
CA VAL A 170 7.18 9.52 -2.26
C VAL A 170 7.88 8.21 -1.94
N GLN A 171 7.16 7.12 -2.12
CA GLN A 171 7.74 5.78 -2.11
C GLN A 171 8.71 5.66 -3.30
N PRO A 172 9.70 4.77 -3.19
CA PRO A 172 10.65 4.56 -4.31
C PRO A 172 10.04 3.73 -5.45
N SER A 173 9.19 4.40 -6.20
CA SER A 173 8.51 3.83 -7.34
C SER A 173 8.54 4.86 -8.46
N ASP A 174 8.94 4.46 -9.67
CA ASP A 174 8.93 5.40 -10.78
C ASP A 174 7.55 5.94 -11.07
N LEU A 175 6.52 5.10 -11.00
CA LEU A 175 5.16 5.61 -11.13
C LEU A 175 4.80 6.67 -10.08
N MET A 176 5.11 6.43 -8.81
CA MET A 176 4.73 7.42 -7.79
C MET A 176 5.51 8.72 -7.94
N VAL A 177 6.75 8.63 -8.37
CA VAL A 177 7.53 9.83 -8.69
C VAL A 177 6.78 10.61 -9.78
N ASP A 178 6.41 9.92 -10.85
CA ASP A 178 5.63 10.55 -11.93
C ASP A 178 4.29 11.11 -11.44
N GLU A 179 3.59 10.40 -10.55
CA GLU A 179 2.29 10.89 -10.09
C GLU A 179 2.43 12.23 -9.38
N ILE A 180 3.41 12.36 -8.50
CA ILE A 180 3.53 13.56 -7.70
C ILE A 180 4.06 14.71 -8.56
N ARG A 181 4.88 14.39 -9.55
N ARG A 181 4.90 14.37 -9.53
CA ARG A 181 5.36 15.41 -10.50
CA ARG A 181 5.33 15.32 -10.53
C ARG A 181 4.19 15.95 -11.31
C ARG A 181 4.12 15.95 -11.17
N ALA A 182 3.29 15.08 -11.73
CA ALA A 182 2.12 15.53 -12.50
C ALA A 182 1.18 16.37 -11.67
N MET A 183 1.08 16.07 -10.38
CA MET A 183 0.31 16.90 -9.45
C MET A 183 0.94 18.28 -9.24
N GLY A 184 2.22 18.43 -9.63
CA GLY A 184 2.92 19.70 -9.51
C GLY A 184 3.97 19.78 -8.41
N GLY A 185 4.18 18.70 -7.66
CA GLY A 185 5.17 18.70 -6.61
C GLY A 185 6.52 18.22 -7.12
N THR A 186 7.52 18.31 -6.25
CA THR A 186 8.87 17.85 -6.54
C THR A 186 9.05 16.57 -5.71
N PRO A 187 9.00 15.39 -6.36
CA PRO A 187 9.05 14.15 -5.60
C PRO A 187 10.47 13.74 -5.16
N THR A 188 10.57 13.21 -3.94
N THR A 188 10.53 13.20 -3.95
CA THR A 188 11.84 12.70 -3.44
CA THR A 188 11.75 12.64 -3.43
C THR A 188 11.60 11.35 -2.71
C THR A 188 11.47 11.28 -2.79
N PRO A 189 12.17 10.25 -3.25
CA PRO A 189 11.91 8.94 -2.64
C PRO A 189 12.61 8.81 -1.31
N MET A 190 11.93 8.17 -0.35
CA MET A 190 12.47 7.91 0.97
C MET A 190 11.78 6.73 1.60
N PRO A 191 12.50 5.97 2.43
CA PRO A 191 11.85 4.92 3.23
C PRO A 191 10.84 5.48 4.23
N PHE A 192 9.79 4.71 4.47
CA PHE A 192 8.68 5.10 5.32
C PHE A 192 9.19 5.53 6.69
N ALA A 193 10.10 4.77 7.26
CA ALA A 193 10.56 5.08 8.62
C ALA A 193 11.23 6.43 8.76
N GLU A 194 11.71 7.00 7.65
CA GLU A 194 12.49 8.22 7.73
C GLU A 194 11.65 9.46 7.50
N VAL A 195 10.39 9.27 7.15
CA VAL A 195 9.56 10.40 6.73
C VAL A 195 9.28 11.38 7.85
N TYR A 196 8.99 10.88 9.04
CA TYR A 196 8.67 11.75 10.16
C TYR A 196 9.81 12.78 10.41
N THR A 197 11.03 12.27 10.48
CA THR A 197 12.17 13.15 10.74
C THR A 197 12.42 14.10 9.57
N GLY A 198 12.13 13.62 8.37
CA GLY A 198 12.27 14.41 7.16
C GLY A 198 11.35 15.61 7.20
N LEU A 199 10.14 15.41 7.68
CA LEU A 199 9.19 16.52 7.82
C LEU A 199 9.55 17.44 9.00
N LYS A 200 9.93 16.84 10.12
CA LYS A 200 10.16 17.63 11.32
C LYS A 200 11.34 18.56 11.11
N THR A 201 12.28 18.15 10.26
CA THR A 201 13.53 18.92 10.04
C THR A 201 13.61 19.61 8.67
N GLY A 202 12.52 19.57 7.91
CA GLY A 202 12.43 20.32 6.67
C GLY A 202 13.12 19.77 5.44
N LEU A 203 13.69 18.57 5.50
CA LEU A 203 14.20 17.94 4.28
C LEU A 203 13.11 17.85 3.23
N VAL A 204 11.91 17.49 3.69
CA VAL A 204 10.72 17.47 2.85
C VAL A 204 9.64 18.28 3.54
N ASP A 205 8.69 18.75 2.74
CA ASP A 205 7.63 19.64 3.19
C ASP A 205 6.27 18.93 3.19
N ALA A 206 6.22 17.74 2.57
CA ALA A 206 4.98 17.03 2.33
C ALA A 206 5.22 15.56 2.06
N ALA A 207 4.15 14.79 2.13
CA ALA A 207 4.11 13.38 1.74
C ALA A 207 2.66 13.01 1.42
N GLU A 208 2.39 11.72 1.22
CA GLU A 208 1.02 11.32 0.92
C GLU A 208 0.77 9.93 1.45
N ASN A 209 -0.45 9.69 1.92
CA ASN A 209 -0.80 8.44 2.53
C ASN A 209 -2.25 8.45 2.98
N ASN A 210 -2.68 7.31 3.47
CA ASN A 210 -4.01 7.20 4.07
C ASN A 210 -3.97 7.78 5.48
N LEU A 211 -5.14 7.94 6.09
CA LEU A 211 -5.24 8.58 7.38
C LEU A 211 -4.62 7.71 8.48
N PRO A 212 -4.85 6.39 8.45
CA PRO A 212 -4.23 5.60 9.52
C PRO A 212 -2.70 5.74 9.52
N SER A 213 -2.09 5.83 8.36
CA SER A 213 -0.63 5.95 8.33
C SER A 213 -0.19 7.35 8.75
N TYR A 214 -0.95 8.36 8.33
CA TYR A 214 -0.73 9.76 8.71
C TYR A 214 -0.73 9.88 10.24
N GLU A 215 -1.62 9.12 10.88
CA GLU A 215 -1.72 9.11 12.33
C GLU A 215 -0.59 8.34 13.00
N GLU A 216 -0.36 7.12 12.56
CA GLU A 216 0.52 6.19 13.25
C GLU A 216 1.91 6.78 13.36
N THR A 217 2.35 7.41 12.29
CA THR A 217 3.70 7.93 12.15
C THR A 217 3.89 9.31 12.78
N LYS A 218 2.81 9.91 13.27
CA LYS A 218 2.79 11.28 13.77
C LYS A 218 3.11 12.33 12.71
N HIS A 219 2.99 11.98 11.43
CA HIS A 219 3.19 13.00 10.39
C HIS A 219 2.24 14.18 10.57
N PHE A 220 1.05 13.90 11.10
CA PHE A 220 0.04 14.95 11.25
C PHE A 220 0.49 16.03 12.22
N GLU A 221 1.47 15.75 13.06
CA GLU A 221 1.93 16.77 14.00
C GLU A 221 2.80 17.81 13.33
N VAL A 222 3.49 17.39 12.28
CA VAL A 222 4.41 18.29 11.62
C VAL A 222 3.96 18.67 10.21
N ALA A 223 2.96 17.99 9.67
CA ALA A 223 2.37 18.36 8.40
C ALA A 223 0.83 18.34 8.55
N PRO A 224 0.29 19.38 9.19
CA PRO A 224 -1.08 19.37 9.72
C PRO A 224 -2.20 19.57 8.72
N ASP A 225 -1.91 19.90 7.48
CA ASP A 225 -2.92 20.11 6.47
C ASP A 225 -3.02 18.87 5.59
N TYR A 226 -4.08 18.10 5.79
CA TYR A 226 -4.33 16.88 5.04
C TYR A 226 -5.39 17.15 3.99
N SER A 227 -4.98 17.13 2.72
CA SER A 227 -5.87 17.51 1.63
C SER A 227 -6.25 16.28 0.82
N GLU A 228 -7.56 16.00 0.77
CA GLU A 228 -8.08 14.76 0.21
C GLU A 228 -8.03 14.71 -1.32
N THR A 229 -6.81 14.67 -1.84
CA THR A 229 -6.60 14.46 -3.28
C THR A 229 -7.02 13.04 -3.69
N GLN A 230 -6.92 12.08 -2.76
CA GLN A 230 -7.31 10.69 -3.03
C GLN A 230 -6.82 10.23 -4.40
N HIS A 231 -5.55 10.47 -4.68
CA HIS A 231 -4.99 10.22 -6.00
C HIS A 231 -4.70 8.76 -6.32
N ALA A 232 -4.56 7.90 -5.30
CA ALA A 232 -4.35 6.50 -5.57
C ALA A 232 -5.02 5.67 -4.48
N MET A 233 -5.39 4.44 -4.83
CA MET A 233 -5.95 3.50 -3.86
C MET A 233 -5.15 2.19 -3.90
N THR A 234 -3.84 2.33 -4.05
CA THR A 234 -2.89 1.24 -4.07
C THR A 234 -3.19 0.22 -2.99
N PRO A 235 -3.15 -1.07 -3.32
CA PRO A 235 -3.40 -2.09 -2.30
C PRO A 235 -2.14 -2.43 -1.53
N GLU A 236 -2.31 -3.04 -0.37
CA GLU A 236 -1.24 -3.84 0.21
C GLU A 236 -1.24 -5.22 -0.42
N VAL A 237 -0.07 -5.86 -0.42
CA VAL A 237 0.07 -7.22 -0.90
C VAL A 237 0.82 -8.04 0.14
N LEU A 238 0.35 -9.26 0.41
CA LEU A 238 1.06 -10.14 1.30
C LEU A 238 1.74 -11.15 0.38
N VAL A 239 3.08 -11.20 0.43
CA VAL A 239 3.85 -12.08 -0.41
C VAL A 239 4.63 -13.09 0.42
N PHE A 240 4.76 -14.27 -0.14
CA PHE A 240 5.46 -15.42 0.44
C PHE A 240 6.61 -15.79 -0.50
N SER A 241 7.78 -16.08 0.05
CA SER A 241 8.93 -16.44 -0.78
C SER A 241 8.68 -17.70 -1.59
N LYS A 242 8.75 -17.61 -2.91
CA LYS A 242 8.49 -18.77 -3.74
C LYS A 242 9.54 -19.87 -3.51
N LYS A 243 10.79 -19.49 -3.22
CA LYS A 243 11.83 -20.48 -2.95
C LYS A 243 11.42 -21.38 -1.78
N ILE A 244 10.85 -20.77 -0.73
CA ILE A 244 10.36 -21.52 0.42
C ILE A 244 9.07 -22.25 0.06
N TRP A 245 8.14 -21.53 -0.57
CA TRP A 245 6.86 -22.10 -0.97
C TRP A 245 7.02 -23.39 -1.74
N ASP A 246 7.97 -23.40 -2.66
CA ASP A 246 8.19 -24.52 -3.56
C ASP A 246 8.64 -25.79 -2.82
N THR A 247 9.03 -25.66 -1.58
CA THR A 247 9.43 -26.82 -0.77
C THR A 247 8.27 -27.38 0.06
N LEU A 248 7.10 -26.75 -0.05
CA LEU A 248 5.94 -27.15 0.74
C LEU A 248 5.02 -28.07 -0.08
N SER A 249 4.25 -28.92 0.62
CA SER A 249 3.26 -29.78 -0.03
C SER A 249 2.07 -28.96 -0.48
N PRO A 250 1.29 -29.51 -1.41
CA PRO A 250 0.07 -28.82 -1.82
C PRO A 250 -0.89 -28.59 -0.65
N GLN A 251 -0.94 -29.51 0.31
CA GLN A 251 -1.81 -29.32 1.48
C GLN A 251 -1.35 -28.15 2.36
N GLU A 252 -0.06 -28.03 2.58
CA GLU A 252 0.47 -26.93 3.37
C GLU A 252 0.23 -25.61 2.64
N GLN A 253 0.47 -25.61 1.34
CA GLN A 253 0.22 -24.44 0.54
C GLN A 253 -1.26 -24.03 0.61
N ALA A 254 -2.15 -25.00 0.52
CA ALA A 254 -3.58 -24.71 0.57
C ALA A 254 -3.98 -24.13 1.94
N ALA A 255 -3.35 -24.62 3.01
CA ALA A 255 -3.61 -24.12 4.35
C ALA A 255 -3.20 -22.65 4.46
N ILE A 256 -2.03 -22.33 3.93
CA ILE A 256 -1.51 -20.97 3.98
C ILE A 256 -2.43 -20.02 3.19
N ARG A 257 -2.85 -20.47 2.01
CA ARG A 257 -3.76 -19.66 1.17
C ARG A 257 -5.10 -19.45 1.87
N LYS A 258 -5.62 -20.48 2.53
CA LYS A 258 -6.89 -20.35 3.25
C LYS A 258 -6.77 -19.36 4.41
N ALA A 259 -5.70 -19.49 5.18
CA ALA A 259 -5.45 -18.58 6.29
C ALA A 259 -5.33 -17.13 5.79
N ALA A 260 -4.65 -16.93 4.67
CA ALA A 260 -4.53 -15.56 4.11
C ALA A 260 -5.89 -15.02 3.71
N ALA A 261 -6.68 -15.81 2.98
CA ALA A 261 -8.01 -15.37 2.58
C ALA A 261 -8.89 -15.06 3.78
N ASP A 262 -8.84 -15.92 4.78
CA ASP A 262 -9.67 -15.73 5.97
C ASP A 262 -9.25 -14.48 6.77
N SER A 263 -8.02 -14.04 6.61
CA SER A 263 -7.56 -12.83 7.31
C SER A 263 -8.19 -11.54 6.77
N VAL A 264 -8.74 -11.59 5.55
CA VAL A 264 -9.18 -10.34 4.93
C VAL A 264 -10.41 -9.73 5.63
N PRO A 265 -11.49 -10.51 5.88
CA PRO A 265 -12.58 -9.88 6.63
C PRO A 265 -12.17 -9.38 8.03
N TYR A 266 -11.24 -10.06 8.66
CA TYR A 266 -10.70 -9.58 9.94
C TYR A 266 -9.98 -8.25 9.76
N TYR A 267 -9.14 -8.17 8.74
CA TYR A 267 -8.42 -6.93 8.45
C TYR A 267 -9.42 -5.80 8.16
N GLN A 268 -10.47 -6.11 7.39
CA GLN A 268 -11.43 -5.09 6.99
C GLN A 268 -12.15 -4.48 8.18
N LYS A 269 -12.51 -5.31 9.16
CA LYS A 269 -13.11 -4.80 10.39
C LYS A 269 -12.15 -3.82 11.08
N LEU A 270 -10.89 -4.23 11.22
CA LEU A 270 -9.93 -3.33 11.86
C LEU A 270 -9.72 -2.05 11.04
N TRP A 271 -9.62 -2.20 9.72
CA TRP A 271 -9.25 -1.09 8.85
C TRP A 271 -10.35 -0.04 8.78
N THR A 272 -11.59 -0.49 8.59
CA THR A 272 -12.70 0.46 8.53
C THR A 272 -12.79 1.21 9.87
N ALA A 273 -12.58 0.51 10.99
CA ALA A 273 -12.65 1.22 12.27
C ALA A 273 -11.48 2.18 12.39
N ARG A 274 -10.31 1.78 11.90
CA ARG A 274 -9.13 2.61 12.00
C ARG A 274 -9.21 3.86 11.11
N GLU A 275 -9.84 3.77 9.95
CA GLU A 275 -10.01 4.97 9.12
C GLU A 275 -10.79 6.01 9.91
N ALA A 276 -11.84 5.57 10.61
CA ALA A 276 -12.69 6.50 11.36
C ALA A 276 -11.93 7.03 12.58
N SER A 277 -11.25 6.15 13.30
CA SER A 277 -10.60 6.60 14.53
C SER A 277 -9.41 7.49 14.22
N ALA A 278 -8.70 7.19 13.13
CA ALA A 278 -7.55 8.01 12.73
C ALA A 278 -8.00 9.40 12.37
N GLN A 279 -9.11 9.50 11.65
CA GLN A 279 -9.60 10.83 11.28
C GLN A 279 -9.90 11.67 12.52
N GLN A 280 -10.55 11.06 13.49
CA GLN A 280 -10.90 11.79 14.71
C GLN A 280 -9.63 12.13 15.49
N ALA A 281 -8.70 11.20 15.56
CA ALA A 281 -7.51 11.43 16.35
C ALA A 281 -6.63 12.55 15.77
N VAL A 282 -6.42 12.56 14.47
CA VAL A 282 -5.54 13.61 13.92
C VAL A 282 -6.22 14.98 14.01
N THR A 283 -7.53 15.01 13.91
CA THR A 283 -8.26 16.26 13.98
C THR A 283 -8.22 16.80 15.41
N LYS A 284 -8.42 15.91 16.38
CA LYS A 284 -8.30 16.28 17.79
C LYS A 284 -6.87 16.76 18.03
N GLY A 285 -5.91 16.20 17.31
CA GLY A 285 -4.51 16.53 17.46
C GLY A 285 -4.05 17.64 16.54
N GLY A 286 -5.00 18.43 16.04
CA GLY A 286 -4.67 19.69 15.39
C GLY A 286 -4.61 19.68 13.88
N ALA A 287 -4.81 18.52 13.27
CA ALA A 287 -4.77 18.45 11.82
C ALA A 287 -6.04 19.01 11.20
N ASN A 288 -5.86 19.61 10.04
CA ASN A 288 -6.98 20.17 9.30
C ASN A 288 -7.20 19.35 8.03
N ILE A 289 -8.30 18.63 7.97
CA ILE A 289 -8.62 17.84 6.79
C ILE A 289 -9.45 18.65 5.82
N LEU A 290 -8.94 18.83 4.61
CA LEU A 290 -9.69 19.44 3.53
C LEU A 290 -10.42 18.33 2.79
N PRO A 291 -11.75 18.31 2.88
CA PRO A 291 -12.50 17.21 2.27
C PRO A 291 -12.36 17.15 0.75
N ALA A 292 -12.47 15.95 0.22
CA ALA A 292 -12.32 15.68 -1.20
C ALA A 292 -13.16 16.62 -2.07
N ALA A 293 -14.39 16.85 -1.64
CA ALA A 293 -15.32 17.72 -2.38
C ALA A 293 -14.78 19.14 -2.61
N GLN A 294 -13.86 19.59 -1.75
CA GLN A 294 -13.30 20.94 -1.85
C GLN A 294 -11.98 20.92 -2.61
N VAL A 295 -11.56 19.74 -3.00
CA VAL A 295 -10.36 19.62 -3.80
C VAL A 295 -10.76 19.49 -5.24
N ASP A 296 -10.01 20.13 -6.12
CA ASP A 296 -10.35 20.07 -7.53
C ASP A 296 -9.84 18.77 -8.13
N ARG A 297 -10.56 17.68 -7.92
CA ARG A 297 -10.12 16.44 -8.52
C ARG A 297 -10.03 16.70 -10.00
N ALA A 298 -10.81 17.67 -10.49
CA ALA A 298 -10.82 17.99 -11.91
C ALA A 298 -9.42 18.35 -12.35
N ALA A 299 -8.84 19.32 -11.67
CA ALA A 299 -7.49 19.74 -11.99
C ALA A 299 -6.49 18.53 -11.88
N PHE A 300 -6.71 17.60 -10.94
CA PHE A 300 -5.78 16.49 -10.78
C PHE A 300 -6.01 15.32 -11.73
N VAL A 301 -7.26 15.02 -12.03
CA VAL A 301 -7.57 13.92 -12.94
C VAL A 301 -6.96 14.11 -14.34
N LYS A 302 -7.12 15.29 -14.93
CA LYS A 302 -6.76 15.41 -16.34
C LYS A 302 -5.22 15.38 -16.42
N ALA A 303 -4.56 15.94 -15.40
CA ALA A 303 -3.10 15.94 -15.32
C ALA A 303 -2.44 14.58 -15.11
N MET A 304 -3.13 13.66 -14.45
CA MET A 304 -2.52 12.38 -14.07
C MET A 304 -2.88 11.22 -15.03
N GLN A 305 -4.02 11.32 -15.73
CA GLN A 305 -4.51 10.25 -16.63
C GLN A 305 -3.52 9.69 -17.64
N PRO A 306 -2.72 10.57 -18.27
CA PRO A 306 -1.79 10.12 -19.32
C PRO A 306 -0.82 9.06 -18.81
N LEU A 307 -0.61 9.03 -17.49
CA LEU A 307 0.33 8.10 -16.92
C LEU A 307 -0.17 6.69 -17.14
N TRP A 308 -1.49 6.52 -17.31
CA TRP A 308 -2.01 5.18 -17.53
C TRP A 308 -1.40 4.63 -18.83
N THR A 309 -1.44 5.45 -19.87
CA THR A 309 -0.94 4.99 -21.16
C THR A 309 0.57 4.73 -21.11
N LYS A 310 1.29 5.56 -20.35
CA LYS A 310 2.74 5.40 -20.22
C LYS A 310 3.11 4.06 -19.58
N TYR A 311 2.32 3.64 -18.59
CA TYR A 311 2.65 2.43 -17.84
C TYR A 311 1.89 1.16 -18.25
N GLU A 312 0.98 1.27 -19.21
CA GLU A 312 0.40 0.06 -19.81
C GLU A 312 1.39 -0.63 -20.76
N LYS A 313 2.26 -1.49 -20.22
CA LYS A 313 3.39 -2.03 -21.00
C LYS A 313 3.08 -3.30 -21.79
N THR A 314 1.86 -3.79 -21.71
CA THR A 314 1.51 -5.01 -22.42
C THR A 314 0.01 -5.07 -22.68
N PRO A 315 -0.41 -5.85 -23.67
CA PRO A 315 -1.83 -6.12 -23.87
C PRO A 315 -2.44 -6.74 -22.62
N GLN A 316 -1.68 -7.52 -21.88
CA GLN A 316 -2.20 -8.12 -20.67
C GLN A 316 -2.54 -7.07 -19.62
N MET A 317 -1.71 -6.04 -19.50
CA MET A 317 -1.98 -4.98 -18.55
C MET A 317 -3.23 -4.18 -18.98
N LYS A 318 -3.35 -3.94 -20.28
CA LYS A 318 -4.48 -3.21 -20.81
C LYS A 318 -5.76 -3.96 -20.48
N GLN A 319 -5.71 -5.28 -20.52
CA GLN A 319 -6.89 -6.12 -20.30
C GLN A 319 -7.27 -6.11 -18.83
N ILE A 320 -6.28 -6.12 -17.96
CA ILE A 320 -6.56 -6.06 -16.55
C ILE A 320 -7.22 -4.72 -16.19
N VAL A 321 -6.66 -3.62 -16.70
CA VAL A 321 -7.25 -2.31 -16.45
C VAL A 321 -8.72 -2.32 -16.90
N ASP A 322 -8.95 -2.88 -18.08
CA ASP A 322 -10.32 -2.96 -18.61
C ASP A 322 -11.27 -3.78 -17.72
N GLU A 323 -10.78 -4.88 -17.19
CA GLU A 323 -11.59 -5.75 -16.35
C GLU A 323 -11.93 -5.01 -15.04
N ILE A 324 -10.98 -4.26 -14.52
CA ILE A 324 -11.22 -3.45 -13.34
C ILE A 324 -12.29 -2.40 -13.62
N GLU A 325 -12.13 -1.63 -14.70
CA GLU A 325 -13.10 -0.58 -15.02
C GLU A 325 -14.51 -1.11 -15.27
N ALA A 326 -14.60 -2.28 -15.87
CA ALA A 326 -15.90 -2.88 -16.18
C ALA A 326 -16.60 -3.48 -14.95
N THR A 327 -15.91 -3.58 -13.82
CA THR A 327 -16.54 -4.10 -12.63
C THR A 327 -17.53 -3.08 -12.11
C1 GTR B . 1.50 2.74 3.67
C2 GTR B . 1.71 1.27 3.49
C3 GTR B . 3.10 0.94 3.78
C4 GTR B . 4.10 1.76 3.08
C5 GTR B . 3.81 3.20 3.31
C6 GTR B . 4.70 4.14 2.64
O1 GTR B . 0.26 3.07 3.25
O2 GTR B . 0.88 0.55 4.39
O3 GTR B . 3.29 -0.44 3.54
O4 GTR B . 4.20 1.51 1.70
O5 GTR B . 2.44 3.48 2.89
O6A GTR B . 5.93 3.90 2.50
O6B GTR B . 4.21 5.18 2.15
CL CL C . 10.05 1.65 3.43
CA CA D . -8.82 0.27 -21.76
CA CA E . 16.44 -3.37 -5.96
#